data_4RH8
#
_entry.id   4RH8
#
_cell.length_a   102.460
_cell.length_b   102.460
_cell.length_c   166.840
_cell.angle_alpha   90.00
_cell.angle_beta   90.00
_cell.angle_gamma   90.00
#
_symmetry.space_group_name_H-M   'P 41 21 2'
#
loop_
_entity.id
_entity.type
_entity.pdbx_description
1 polymer 'LPS-assembly lipoprotein LptE'
2 non-polymer 'FORMIC ACID'
3 water water
#
_entity_poly.entity_id   1
_entity_poly.type   'polypeptide(L)'
_entity_poly.pdbx_seq_one_letter_code
;MGWHLRDTTQVPSTMKVMILDSGDPNGPLSRAVRNQLRLNGVELLDKETTRKDVPSLRLGKVSIAKDTASVFRNGQTAEY
QMIMTVNATVLIPGRDIYPISAKVFRSFFDNPQMALAKDNEQDMIVKEMYDRAAEQLIRKLPSIRAADIRSDEEQTSTTT
DTPALVPR
;
_entity_poly.pdbx_strand_id   A,B,C,D
#
loop_
_chem_comp.id
_chem_comp.type
_chem_comp.name
_chem_comp.formula
FMT non-polymer 'FORMIC ACID' 'C H2 O2'
#
# COMPACT_ATOMS: atom_id res chain seq x y z
N GLN A 10 24.59 -2.08 20.83
CA GLN A 10 24.18 -2.98 19.66
C GLN A 10 24.62 -2.43 18.24
N VAL A 11 24.79 -1.12 18.09
CA VAL A 11 25.31 -0.55 16.84
C VAL A 11 26.72 -1.08 16.57
N PRO A 12 26.95 -1.67 15.42
CA PRO A 12 28.28 -2.17 15.22
C PRO A 12 29.38 -1.17 15.48
N SER A 13 30.53 -1.71 15.82
CA SER A 13 31.71 -0.91 16.21
C SER A 13 32.25 -0.12 15.04
N THR A 14 32.08 -0.67 13.84
CA THR A 14 32.48 0.02 12.64
C THR A 14 31.54 1.16 12.30
N MET A 15 30.56 1.44 13.13
CA MET A 15 29.56 2.46 12.81
C MET A 15 29.35 3.37 13.92
N LYS A 16 30.31 3.44 14.85
CA LYS A 16 30.20 4.34 15.98
C LYS A 16 30.57 5.74 15.64
N VAL A 17 31.08 5.93 14.44
CA VAL A 17 31.23 7.24 13.88
C VAL A 17 30.56 7.24 12.54
N MET A 18 29.78 8.26 12.26
CA MET A 18 28.91 8.18 11.08
C MET A 18 28.51 9.51 10.58
N ILE A 19 28.13 9.55 9.30
CA ILE A 19 27.57 10.73 8.68
C ILE A 19 26.06 10.52 8.50
N LEU A 20 25.27 11.52 8.88
CA LEU A 20 23.86 11.48 8.62
C LEU A 20 23.58 12.48 7.54
N ASP A 21 23.09 11.97 6.44
CA ASP A 21 22.83 12.79 5.25
C ASP A 21 21.33 12.84 5.00
N SER A 22 20.78 14.03 5.01
CA SER A 22 19.36 14.20 4.81
C SER A 22 19.05 15.53 4.23
N GLY A 23 17.87 15.63 3.64
CA GLY A 23 17.49 16.88 2.96
C GLY A 23 17.04 17.98 3.89
N ASP A 24 16.79 17.65 5.14
CA ASP A 24 16.35 18.64 6.10
C ASP A 24 16.86 18.23 7.48
N PRO A 25 18.11 18.55 7.77
CA PRO A 25 18.66 18.14 9.03
C PRO A 25 17.91 18.61 10.26
N ASN A 26 17.11 19.65 10.16
CA ASN A 26 16.31 20.10 11.32
C ASN A 26 14.84 19.69 11.25
N GLY A 27 14.48 18.82 10.31
CA GLY A 27 13.14 18.22 10.26
C GLY A 27 12.95 17.11 11.32
N PRO A 28 11.69 16.69 11.55
CA PRO A 28 11.38 15.74 12.60
C PRO A 28 11.97 14.36 12.38
N LEU A 29 12.04 13.89 11.15
CA LEU A 29 12.68 12.62 10.93
C LEU A 29 14.16 12.63 11.21
N SER A 30 14.85 13.64 10.69
CA SER A 30 16.31 13.76 10.95
C SER A 30 16.61 13.87 12.38
N ARG A 31 15.88 14.73 13.07
CA ARG A 31 16.05 14.84 14.54
C ARG A 31 15.82 13.55 15.24
N ALA A 32 14.79 12.84 14.83
CA ALA A 32 14.52 11.59 15.54
C ALA A 32 15.66 10.57 15.31
N VAL A 33 16.22 10.57 14.08
CA VAL A 33 17.29 9.59 13.75
C VAL A 33 18.55 10.00 14.45
N ARG A 34 18.80 11.30 14.48
CA ARG A 34 19.98 11.85 15.15
C ARG A 34 19.93 11.47 16.60
N ASN A 35 18.77 11.73 17.18
CA ASN A 35 18.57 11.45 18.57
C ASN A 35 18.83 10.02 18.90
N GLN A 36 18.35 9.09 18.08
CA GLN A 36 18.62 7.69 18.37
C GLN A 36 20.04 7.27 18.15
N LEU A 37 20.68 7.88 17.16
CA LEU A 37 22.06 7.53 16.96
C LEU A 37 22.87 8.01 18.20
N ARG A 38 22.63 9.23 18.67
CA ARG A 38 23.32 9.71 19.89
C ARG A 38 23.05 8.84 21.10
N LEU A 39 21.79 8.51 21.34
CA LEU A 39 21.48 7.58 22.41
C LEU A 39 22.25 6.32 22.29
N ASN A 40 22.57 5.85 21.08
CA ASN A 40 23.39 4.61 20.96
C ASN A 40 24.89 4.85 20.94
N GLY A 41 25.32 6.06 21.29
CA GLY A 41 26.73 6.32 21.38
C GLY A 41 27.43 6.58 20.06
N VAL A 42 26.70 7.08 19.04
CA VAL A 42 27.28 7.29 17.72
C VAL A 42 27.71 8.73 17.65
N GLU A 43 28.95 8.93 17.25
CA GLU A 43 29.42 10.27 16.95
C GLU A 43 29.04 10.67 15.50
N LEU A 44 28.38 11.80 15.34
CA LEU A 44 27.95 12.23 13.99
C LEU A 44 28.87 13.26 13.42
N LEU A 45 29.41 13.00 12.22
CA LEU A 45 30.29 13.96 11.55
C LEU A 45 29.58 14.65 10.44
N ASP A 46 30.09 15.82 10.15
CA ASP A 46 29.64 16.56 9.01
C ASP A 46 30.05 15.79 7.76
N LYS A 47 29.28 15.94 6.73
CA LYS A 47 29.56 15.33 5.43
C LYS A 47 30.91 15.70 4.77
N GLU A 48 31.49 16.83 5.13
CA GLU A 48 32.78 17.17 4.62
C GLU A 48 33.97 16.87 5.52
N THR A 49 33.83 15.88 6.32
CA THR A 49 34.93 15.37 7.11
C THR A 49 36.11 14.88 6.28
N THR A 50 37.30 15.14 6.81
CA THR A 50 38.53 14.62 6.24
C THR A 50 38.87 13.23 6.78
N ARG A 51 38.05 12.71 7.68
CA ARG A 51 38.23 11.29 8.17
C ARG A 51 37.99 10.28 7.09
N LYS A 52 38.71 9.18 7.17
CA LYS A 52 38.52 8.15 6.17
C LYS A 52 37.52 7.05 6.55
N ASP A 53 36.85 6.49 5.56
CA ASP A 53 36.00 5.31 5.71
C ASP A 53 34.83 5.47 6.70
N VAL A 54 34.32 6.68 6.88
CA VAL A 54 33.18 6.92 7.74
C VAL A 54 31.86 6.59 6.99
N PRO A 55 31.08 5.65 7.52
CA PRO A 55 29.88 5.21 6.81
C PRO A 55 28.84 6.29 6.88
N SER A 56 27.91 6.27 5.92
CA SER A 56 26.90 7.28 5.83
C SER A 56 25.52 6.68 5.86
N LEU A 57 24.64 7.31 6.60
CA LEU A 57 23.22 6.95 6.61
C LEU A 57 22.51 8.07 5.91
N ARG A 58 21.94 7.78 4.73
CA ARG A 58 21.23 8.76 3.92
C ARG A 58 19.70 8.53 4.02
N LEU A 59 18.98 9.53 4.48
CA LEU A 59 17.57 9.46 4.54
C LEU A 59 17.00 9.90 3.17
N GLY A 60 16.57 8.94 2.39
CA GLY A 60 16.16 9.17 1.00
C GLY A 60 14.73 9.63 0.79
N LYS A 61 13.81 9.08 1.56
CA LYS A 61 12.40 9.34 1.34
C LYS A 61 11.61 9.11 2.61
N VAL A 62 10.64 10.00 2.84
CA VAL A 62 9.68 9.86 3.90
C VAL A 62 8.30 10.06 3.33
N SER A 63 7.43 9.11 3.59
CA SER A 63 6.07 9.17 3.15
C SER A 63 5.11 8.95 4.31
N ILE A 64 4.06 9.74 4.36
CA ILE A 64 3.00 9.56 5.33
C ILE A 64 1.70 9.41 4.60
N ALA A 65 1.07 8.26 4.77
CA ALA A 65 -0.22 7.95 4.13
C ALA A 65 -1.36 7.89 5.15
N LYS A 66 -2.49 8.54 4.87
CA LYS A 66 -3.72 8.40 5.65
C LYS A 66 -4.79 7.68 4.87
N ASP A 67 -5.33 6.61 5.43
CA ASP A 67 -6.37 5.83 4.81
C ASP A 67 -7.69 5.92 5.61
N THR A 68 -8.80 6.19 4.93
CA THR A 68 -10.16 6.16 5.47
C THR A 68 -10.94 5.08 4.78
N ALA A 69 -11.46 4.13 5.54
CA ALA A 69 -12.16 3.02 4.96
C ALA A 69 -13.57 2.91 5.54
N SER A 70 -14.53 2.54 4.71
CA SER A 70 -15.90 2.33 5.14
C SER A 70 -16.26 0.92 4.74
N VAL A 71 -16.70 0.13 5.71
CA VAL A 71 -17.06 -1.27 5.45
C VAL A 71 -18.57 -1.52 5.69
N PHE A 72 -19.19 -2.24 4.77
CA PHE A 72 -20.61 -2.55 4.83
C PHE A 72 -20.71 -3.91 5.48
N ARG A 73 -21.40 -3.93 6.62
CA ARG A 73 -21.47 -5.11 7.51
C ARG A 73 -22.69 -6.11 7.60
N ASN A 74 -23.97 -5.77 7.79
CA ASN A 74 -24.76 -4.57 7.43
C ASN A 74 -24.98 -3.63 8.59
N GLY A 75 -25.36 -2.38 8.33
CA GLY A 75 -24.77 -1.29 9.09
C GLY A 75 -23.33 -1.05 8.55
N GLN A 76 -22.79 0.11 8.90
CA GLN A 76 -21.45 0.48 8.44
C GLN A 76 -20.45 0.76 9.56
N THR A 77 -19.18 0.63 9.21
CA THR A 77 -18.08 0.78 10.12
C THR A 77 -17.03 1.64 9.39
N ALA A 78 -16.47 2.59 10.10
CA ALA A 78 -15.44 3.39 9.59
C ALA A 78 -14.10 3.07 10.31
N GLU A 79 -13.01 2.95 9.55
CA GLU A 79 -11.65 2.75 10.08
C GLU A 79 -10.64 3.71 9.43
N TYR A 80 -9.77 4.29 10.25
CA TYR A 80 -8.73 5.21 9.84
C TYR A 80 -7.34 4.60 10.11
N GLN A 81 -6.45 4.65 9.13
CA GLN A 81 -5.05 4.20 9.28
C GLN A 81 -4.10 5.35 8.96
N MET A 82 -2.94 5.35 9.63
CA MET A 82 -1.81 6.19 9.26
C MET A 82 -0.65 5.31 9.13
N ILE A 83 0.05 5.43 7.99
CA ILE A 83 1.20 4.65 7.72
C ILE A 83 2.37 5.59 7.36
N MET A 84 3.50 5.40 8.04
CA MET A 84 4.68 6.20 7.83
C MET A 84 5.71 5.27 7.30
N THR A 85 6.30 5.62 6.14
CA THR A 85 7.32 4.74 5.50
C THR A 85 8.59 5.55 5.30
N VAL A 86 9.74 5.00 5.66
CA VAL A 86 10.98 5.70 5.46
C VAL A 86 11.96 4.83 4.74
N ASN A 87 12.56 5.37 3.68
CA ASN A 87 13.50 4.59 2.87
C ASN A 87 14.82 5.28 3.04
N ALA A 88 15.86 4.50 3.36
CA ALA A 88 17.16 5.05 3.58
C ALA A 88 18.18 4.14 3.04
N THR A 89 19.44 4.60 3.05
CA THR A 89 20.53 3.83 2.55
C THR A 89 21.75 4.00 3.46
N VAL A 90 22.51 2.93 3.65
CA VAL A 90 23.74 3.01 4.41
C VAL A 90 24.87 2.70 3.46
N LEU A 91 25.81 3.62 3.34
CA LEU A 91 26.94 3.48 2.43
C LEU A 91 28.19 3.10 3.25
N ILE A 92 28.84 2.01 2.88
CA ILE A 92 30.11 1.64 3.44
C ILE A 92 31.15 1.98 2.37
N PRO A 93 31.92 3.03 2.57
CA PRO A 93 32.75 3.66 1.50
C PRO A 93 33.62 2.65 0.88
N GLY A 94 33.66 2.66 -0.42
CA GLY A 94 34.54 1.78 -1.14
C GLY A 94 34.01 0.39 -1.22
N ARG A 95 32.91 0.10 -0.54
CA ARG A 95 32.38 -1.27 -0.54
C ARG A 95 30.98 -1.45 -1.10
N ASP A 96 29.95 -1.02 -0.40
CA ASP A 96 28.60 -1.22 -0.86
C ASP A 96 27.63 -0.31 -0.24
N ILE A 97 26.47 -0.23 -0.90
CA ILE A 97 25.39 0.57 -0.46
C ILE A 97 24.23 -0.34 -0.13
N TYR A 98 23.58 -0.11 1.02
CA TYR A 98 22.56 -1.01 1.55
C TYR A 98 21.21 -0.29 1.75
N PRO A 99 20.16 -0.73 1.08
CA PRO A 99 18.87 -0.08 1.27
C PRO A 99 18.21 -0.63 2.49
N ILE A 100 17.66 0.23 3.34
CA ILE A 100 16.88 -0.20 4.47
C ILE A 100 15.64 0.63 4.57
N SER A 101 14.59 0.12 5.20
CA SER A 101 13.41 0.91 5.37
C SER A 101 12.73 0.65 6.66
N ALA A 102 11.86 1.59 7.04
CA ALA A 102 11.05 1.50 8.23
C ALA A 102 9.59 1.78 7.87
N LYS A 103 8.68 1.09 8.54
CA LYS A 103 7.28 1.28 8.33
C LYS A 103 6.56 1.28 9.67
N VAL A 104 5.79 2.31 9.94
CA VAL A 104 5.12 2.41 11.18
C VAL A 104 3.63 2.57 10.93
N PHE A 105 2.83 1.75 11.57
CA PHE A 105 1.37 1.64 11.35
C PHE A 105 0.55 2.01 12.60
N ARG A 106 -0.37 2.95 12.48
CA ARG A 106 -1.36 3.23 13.53
C ARG A 106 -2.76 3.07 12.93
N SER A 107 -3.69 2.38 13.58
CA SER A 107 -5.11 2.32 13.12
C SER A 107 -6.07 2.74 14.24
N PHE A 108 -7.25 3.30 13.90
CA PHE A 108 -8.26 3.92 14.83
C PHE A 108 -9.75 3.66 14.30
N PHE A 109 -10.94 3.82 14.95
CA PHE A 109 -11.54 4.94 15.81
C PHE A 109 -10.98 6.43 15.93
N ASP A 110 -11.21 7.32 14.95
CA ASP A 110 -10.59 8.66 15.00
C ASP A 110 -11.52 9.71 15.51
N GLU A 121 -3.82 14.25 19.77
CA GLU A 121 -3.97 14.88 18.47
C GLU A 121 -3.06 14.28 17.38
N GLN A 122 -3.47 14.46 16.13
CA GLN A 122 -2.73 13.95 14.97
C GLN A 122 -1.22 14.25 14.97
N ASP A 123 -0.85 15.50 15.21
CA ASP A 123 0.57 15.89 15.19
C ASP A 123 1.42 15.10 16.18
N MET A 124 0.90 14.82 17.37
CA MET A 124 1.64 14.04 18.37
C MET A 124 1.78 12.56 18.01
N ILE A 125 0.81 12.03 17.30
CA ILE A 125 0.89 10.68 16.82
C ILE A 125 2.06 10.57 15.84
N VAL A 126 2.14 11.52 14.91
CA VAL A 126 3.16 11.53 13.87
C VAL A 126 4.54 11.66 14.49
N LYS A 127 4.67 12.56 15.46
CA LYS A 127 5.91 12.77 16.18
C LYS A 127 6.40 11.47 16.72
N GLU A 128 5.48 10.73 17.30
CA GLU A 128 5.84 9.48 17.89
C GLU A 128 6.20 8.42 16.84
N MET A 129 5.51 8.49 15.69
CA MET A 129 5.81 7.55 14.62
C MET A 129 7.31 7.76 14.17
N TYR A 130 7.76 9.01 14.06
CA TYR A 130 9.10 9.30 13.64
C TYR A 130 10.10 8.62 14.57
N ASP A 131 9.84 8.58 15.87
CA ASP A 131 10.77 7.89 16.80
C ASP A 131 10.79 6.43 16.49
N ARG A 132 9.64 5.86 16.19
CA ARG A 132 9.61 4.43 15.92
C ARG A 132 10.34 4.13 14.62
N ALA A 133 10.18 5.01 13.66
CA ALA A 133 10.81 4.79 12.39
C ALA A 133 12.32 4.86 12.61
N ALA A 134 12.75 5.83 13.37
CA ALA A 134 14.20 5.94 13.66
C ALA A 134 14.76 4.73 14.38
N GLU A 135 14.02 4.17 15.34
CA GLU A 135 14.48 2.93 16.00
C GLU A 135 14.56 1.79 15.02
N GLN A 136 13.58 1.69 14.11
CA GLN A 136 13.65 0.57 13.17
C GLN A 136 14.89 0.66 12.29
N LEU A 137 15.26 1.89 11.89
CA LEU A 137 16.40 2.04 10.99
C LEU A 137 17.65 1.63 11.74
N ILE A 138 17.84 2.19 12.90
CA ILE A 138 19.02 1.90 13.68
C ILE A 138 19.12 0.41 13.97
N ARG A 139 17.99 -0.27 14.21
CA ARG A 139 18.07 -1.72 14.41
C ARG A 139 18.47 -2.50 13.19
N LYS A 140 18.58 -1.87 12.02
CA LYS A 140 19.06 -2.63 10.84
C LYS A 140 20.57 -2.66 10.74
N LEU A 141 21.24 -1.81 11.47
CA LEU A 141 22.72 -1.69 11.29
C LEU A 141 23.48 -2.98 11.51
N PRO A 142 23.05 -3.84 12.47
CA PRO A 142 23.81 -5.09 12.66
C PRO A 142 23.79 -6.01 11.47
N SER A 143 22.64 -6.10 10.83
CA SER A 143 22.55 -6.96 9.62
C SER A 143 23.43 -6.44 8.48
N ILE A 144 23.60 -5.13 8.42
CA ILE A 144 24.49 -4.55 7.38
C ILE A 144 25.94 -4.93 7.69
N ARG A 145 26.40 -4.73 8.92
CA ARG A 145 27.79 -5.16 9.25
C ARG A 145 27.98 -6.66 9.05
N ALA A 146 26.97 -7.46 9.35
CA ALA A 146 27.11 -8.91 9.10
C ALA A 146 27.31 -9.22 7.65
N ALA A 147 26.61 -8.51 6.78
CA ALA A 147 26.77 -8.76 5.37
C ALA A 147 28.09 -8.23 4.89
N ASP A 148 28.48 -7.10 5.41
CA ASP A 148 29.72 -6.45 5.02
C ASP A 148 30.94 -7.34 5.39
N ILE A 149 30.93 -7.92 6.58
CA ILE A 149 31.96 -8.95 6.98
C ILE A 149 31.99 -10.16 6.05
N ARG A 150 30.85 -10.68 5.64
CA ARG A 150 30.83 -11.87 4.82
C ARG A 150 31.18 -11.63 3.39
N SER A 151 31.19 -10.36 2.94
CA SER A 151 31.43 -10.07 1.53
C SER A 151 32.90 -10.29 1.08
N ASP A 152 33.78 -10.67 2.03
CA ASP A 152 35.15 -11.17 1.72
C ASP A 152 35.32 -12.70 1.81
N GLN B 10 0.70 14.79 -28.70
CA GLN B 10 0.35 15.33 -27.34
C GLN B 10 1.57 15.68 -26.44
N VAL B 11 2.71 15.03 -26.67
CA VAL B 11 3.94 15.38 -25.93
C VAL B 11 4.30 16.84 -26.19
N PRO B 12 4.55 17.63 -25.15
CA PRO B 12 4.86 19.02 -25.46
C PRO B 12 6.03 19.21 -26.41
N SER B 13 6.02 20.36 -27.06
CA SER B 13 6.99 20.68 -28.12
C SER B 13 8.39 20.84 -27.50
N THR B 14 8.45 21.34 -26.28
CA THR B 14 9.69 21.48 -25.54
C THR B 14 10.24 20.19 -25.06
N MET B 15 9.60 19.08 -25.39
CA MET B 15 10.07 17.76 -24.97
C MET B 15 10.11 16.77 -26.07
N LYS B 16 10.20 17.23 -27.30
CA LYS B 16 10.36 16.33 -28.43
C LYS B 16 11.78 15.86 -28.63
N VAL B 17 12.72 16.45 -27.89
CA VAL B 17 14.05 15.85 -27.78
C VAL B 17 14.31 15.63 -26.30
N MET B 18 14.74 14.45 -25.92
CA MET B 18 14.87 14.18 -24.47
C MET B 18 15.88 13.12 -24.20
N ILE B 19 16.37 13.12 -22.98
CA ILE B 19 17.27 12.09 -22.51
C ILE B 19 16.46 11.10 -21.66
N LEU B 20 16.63 9.81 -21.89
CA LEU B 20 16.05 8.80 -21.02
C LEU B 20 17.19 8.24 -20.18
N ASP B 21 17.10 8.43 -18.85
CA ASP B 21 18.14 7.93 -17.91
C ASP B 21 17.56 6.81 -17.07
N SER B 22 18.18 5.64 -17.11
CA SER B 22 17.74 4.52 -16.30
C SER B 22 18.84 3.59 -15.92
N GLY B 23 18.60 2.78 -14.89
CA GLY B 23 19.61 1.88 -14.39
C GLY B 23 19.81 0.60 -15.18
N ASP B 24 18.92 0.33 -16.12
CA ASP B 24 19.06 -0.85 -16.98
C ASP B 24 18.44 -0.59 -18.36
N PRO B 25 19.22 -0.04 -19.28
CA PRO B 25 18.63 0.50 -20.49
C PRO B 25 18.08 -0.61 -21.33
N ASN B 26 18.49 -1.85 -21.08
CA ASN B 26 17.90 -3.01 -21.79
C ASN B 26 16.83 -3.77 -21.00
N GLY B 27 16.40 -3.20 -19.89
CA GLY B 27 15.31 -3.78 -19.13
C GLY B 27 13.95 -3.49 -19.71
N PRO B 28 12.97 -4.28 -19.31
CA PRO B 28 11.61 -4.18 -19.88
C PRO B 28 10.97 -2.86 -19.66
N LEU B 29 11.25 -2.22 -18.52
CA LEU B 29 10.63 -0.91 -18.32
C LEU B 29 11.24 0.15 -19.25
N SER B 30 12.57 0.18 -19.34
CA SER B 30 13.26 1.12 -20.21
C SER B 30 12.82 0.96 -21.63
N ARG B 31 12.78 -0.27 -22.09
CA ARG B 31 12.31 -0.56 -23.47
C ARG B 31 10.89 -0.10 -23.64
N ALA B 32 10.04 -0.35 -22.67
CA ALA B 32 8.67 0.06 -22.85
C ALA B 32 8.55 1.58 -22.92
N VAL B 33 9.35 2.27 -22.13
CA VAL B 33 9.24 3.73 -22.09
C VAL B 33 9.84 4.29 -23.36
N ARG B 34 10.95 3.71 -23.78
CA ARG B 34 11.63 4.17 -24.99
C ARG B 34 10.65 4.03 -26.14
N ASN B 35 10.05 2.86 -26.19
CA ASN B 35 9.09 2.55 -27.23
C ASN B 35 7.98 3.57 -27.28
N GLN B 36 7.43 3.95 -26.13
CA GLN B 36 6.36 4.92 -26.17
C GLN B 36 6.80 6.29 -26.52
N LEU B 37 8.01 6.64 -26.11
CA LEU B 37 8.51 7.95 -26.44
C LEU B 37 8.71 8.02 -27.97
N ARG B 38 9.28 6.99 -28.57
CA ARG B 38 9.40 6.94 -30.05
C ARG B 38 8.03 6.99 -30.74
N LEU B 39 7.10 6.17 -30.32
CA LEU B 39 5.76 6.28 -30.83
C LEU B 39 5.21 7.68 -30.78
N ASN B 40 5.57 8.47 -29.79
CA ASN B 40 5.09 9.85 -29.75
C ASN B 40 5.99 10.85 -30.45
N GLY B 41 6.96 10.39 -31.20
CA GLY B 41 7.80 11.29 -31.97
C GLY B 41 8.92 11.95 -31.22
N VAL B 42 9.38 11.32 -30.13
CA VAL B 42 10.41 11.94 -29.31
C VAL B 42 11.74 11.40 -29.77
N GLU B 43 12.69 12.31 -29.99
CA GLU B 43 14.06 11.93 -30.31
C GLU B 43 14.85 11.75 -29.02
N LEU B 44 15.46 10.60 -28.87
CA LEU B 44 16.18 10.32 -27.63
C LEU B 44 17.64 10.57 -27.85
N LEU B 45 18.24 11.39 -27.00
CA LEU B 45 19.69 11.56 -26.98
C LEU B 45 20.37 10.78 -25.86
N ASP B 46 21.60 10.41 -26.12
CA ASP B 46 22.43 9.80 -25.14
C ASP B 46 22.69 10.82 -24.07
N LYS B 47 22.85 10.32 -22.86
CA LYS B 47 23.08 11.16 -21.68
C LYS B 47 24.34 12.05 -21.75
N GLU B 48 25.32 11.66 -22.54
CA GLU B 48 26.54 12.41 -22.60
C GLU B 48 26.46 13.52 -23.67
N THR B 49 25.29 13.79 -24.23
CA THR B 49 25.14 14.76 -25.32
C THR B 49 25.75 16.11 -25.00
N THR B 50 26.35 16.72 -26.02
CA THR B 50 26.85 18.09 -25.90
C THR B 50 25.71 19.10 -25.98
N ARG B 51 24.55 18.63 -26.45
CA ARG B 51 23.34 19.43 -26.58
C ARG B 51 22.93 19.94 -25.19
N LYS B 52 22.51 21.20 -25.09
CA LYS B 52 22.25 21.88 -23.81
C LYS B 52 20.73 22.03 -23.54
N ASP B 53 20.30 22.23 -22.29
CA ASP B 53 18.87 22.39 -21.96
C ASP B 53 17.88 21.27 -22.44
N VAL B 54 18.38 20.07 -22.74
CA VAL B 54 17.56 18.94 -23.15
C VAL B 54 16.93 18.35 -21.88
N PRO B 55 15.60 18.23 -21.82
CA PRO B 55 14.99 17.68 -20.62
C PRO B 55 15.24 16.18 -20.46
N SER B 56 15.15 15.70 -19.25
CA SER B 56 15.52 14.29 -18.96
C SER B 56 14.39 13.62 -18.27
N LEU B 57 14.19 12.37 -18.64
CA LEU B 57 13.22 11.53 -17.90
C LEU B 57 14.04 10.43 -17.24
N ARG B 58 14.06 10.44 -15.92
CA ARG B 58 14.90 9.50 -15.13
C ARG B 58 14.00 8.48 -14.44
N LEU B 59 14.22 7.22 -14.72
CA LEU B 59 13.44 6.14 -14.12
C LEU B 59 14.12 5.74 -12.80
N GLY B 60 13.57 6.22 -11.71
CA GLY B 60 14.19 6.09 -10.40
C GLY B 60 13.98 4.76 -9.68
N LYS B 61 12.78 4.21 -9.80
CA LYS B 61 12.42 3.03 -9.06
C LYS B 61 11.29 2.27 -9.69
N VAL B 62 11.42 0.97 -9.67
CA VAL B 62 10.39 0.06 -10.07
C VAL B 62 10.13 -0.93 -8.96
N SER B 63 8.87 -1.07 -8.58
CA SER B 63 8.47 -2.04 -7.63
C SER B 63 7.32 -2.92 -8.17
N ILE B 64 7.43 -4.22 -7.96
CA ILE B 64 6.38 -5.15 -8.29
C ILE B 64 5.99 -5.86 -7.02
N ALA B 65 4.75 -5.70 -6.60
CA ALA B 65 4.20 -6.34 -5.38
C ALA B 65 3.15 -7.39 -5.71
N LYS B 66 3.24 -8.58 -5.11
CA LYS B 66 2.18 -9.62 -5.22
C LYS B 66 1.47 -9.80 -3.91
N ASP B 67 0.15 -9.64 -3.90
CA ASP B 67 -0.65 -9.75 -2.68
C ASP B 67 -1.60 -10.93 -2.76
N THR B 68 -1.65 -11.75 -1.71
CA THR B 68 -2.59 -12.85 -1.55
C THR B 68 -3.45 -12.52 -0.37
N ALA B 69 -4.76 -12.51 -0.57
CA ALA B 69 -5.66 -12.19 0.53
C ALA B 69 -6.67 -13.32 0.73
N SER B 70 -7.02 -13.60 1.98
CA SER B 70 -8.03 -14.60 2.31
C SER B 70 -9.09 -13.91 3.16
N VAL B 71 -10.36 -13.99 2.74
CA VAL B 71 -11.44 -13.34 3.45
C VAL B 71 -12.42 -14.38 3.97
N PHE B 72 -12.83 -14.17 5.20
CA PHE B 72 -13.77 -15.09 5.89
C PHE B 72 -15.17 -14.53 5.72
N ARG B 73 -16.02 -15.32 5.06
CA ARG B 73 -17.34 -14.86 4.62
C ARG B 73 -18.69 -15.19 5.33
N ASN B 74 -19.12 -16.41 5.70
CA ASN B 74 -18.41 -17.63 6.11
C ASN B 74 -18.37 -18.68 5.01
N GLY B 75 -17.48 -19.65 5.11
CA GLY B 75 -16.72 -20.03 3.91
C GLY B 75 -15.63 -18.94 3.64
N GLN B 76 -14.67 -19.29 2.78
CA GLN B 76 -13.55 -18.42 2.48
C GLN B 76 -13.38 -18.10 1.01
N THR B 77 -12.73 -16.98 0.76
CA THR B 77 -12.53 -16.48 -0.57
C THR B 77 -11.06 -16.04 -0.64
N ALA B 78 -10.40 -16.42 -1.70
CA ALA B 78 -9.04 -16.03 -1.92
C ALA B 78 -8.98 -15.01 -3.09
N GLU B 79 -8.21 -13.92 -2.93
CA GLU B 79 -7.97 -12.94 -4.00
C GLU B 79 -6.47 -12.62 -4.15
N TYR B 80 -5.99 -12.56 -5.39
CA TYR B 80 -4.61 -12.26 -5.71
C TYR B 80 -4.49 -10.92 -6.45
N GLN B 81 -3.55 -10.06 -6.04
CA GLN B 81 -3.28 -8.78 -6.74
C GLN B 81 -1.81 -8.75 -7.16
N MET B 82 -1.56 -8.11 -8.28
CA MET B 82 -0.25 -7.77 -8.70
C MET B 82 -0.24 -6.28 -8.91
N ILE B 83 0.72 -5.57 -8.29
CA ILE B 83 0.79 -4.11 -8.39
C ILE B 83 2.19 -3.69 -8.80
N MET B 84 2.25 -2.84 -9.81
CA MET B 84 3.50 -2.38 -10.36
C MET B 84 3.50 -0.91 -10.16
N THR B 85 4.55 -0.42 -9.52
CA THR B 85 4.67 1.00 -9.19
C THR B 85 5.96 1.52 -9.78
N VAL B 86 5.93 2.65 -10.48
CA VAL B 86 7.14 3.22 -11.05
C VAL B 86 7.25 4.65 -10.60
N ASN B 87 8.45 5.03 -10.10
CA ASN B 87 8.68 6.42 -9.66
C ASN B 87 9.74 6.95 -10.59
N ALA B 88 9.51 8.16 -11.11
CA ALA B 88 10.41 8.77 -12.04
C ALA B 88 10.43 10.23 -11.84
N THR B 89 11.38 10.90 -12.48
CA THR B 89 11.45 12.34 -12.45
C THR B 89 11.64 12.87 -13.84
N VAL B 90 11.14 14.07 -14.08
CA VAL B 90 11.43 14.80 -15.31
C VAL B 90 12.11 16.09 -14.92
N LEU B 91 13.33 16.25 -15.41
CA LEU B 91 14.14 17.43 -15.10
C LEU B 91 14.09 18.41 -16.24
N ILE B 92 13.68 19.64 -15.96
CA ILE B 92 13.77 20.73 -16.94
C ILE B 92 14.98 21.59 -16.50
N PRO B 93 16.10 21.49 -17.23
CA PRO B 93 17.35 22.03 -16.77
C PRO B 93 17.27 23.48 -16.39
N GLY B 94 17.81 23.82 -15.24
CA GLY B 94 17.83 25.19 -14.80
C GLY B 94 16.53 25.66 -14.20
N ARG B 95 15.50 24.82 -14.28
CA ARG B 95 14.18 25.25 -13.80
C ARG B 95 13.57 24.44 -12.68
N ASP B 96 13.14 23.20 -12.95
CA ASP B 96 12.62 22.38 -11.89
C ASP B 96 12.68 20.92 -12.19
N ILE B 97 12.50 20.14 -11.13
CA ILE B 97 12.44 18.68 -11.20
C ILE B 97 11.03 18.28 -10.83
N TYR B 98 10.44 17.37 -11.59
CA TYR B 98 9.05 16.96 -11.37
C TYR B 98 8.93 15.48 -11.09
N PRO B 99 8.48 15.11 -9.92
CA PRO B 99 8.28 13.72 -9.65
C PRO B 99 6.96 13.25 -10.24
N ILE B 100 6.96 12.11 -10.92
CA ILE B 100 5.77 11.54 -11.47
C ILE B 100 5.81 10.04 -11.23
N SER B 101 4.67 9.41 -11.15
CA SER B 101 4.67 7.98 -10.94
C SER B 101 3.56 7.33 -11.66
N ALA B 102 3.71 6.04 -11.82
CA ALA B 102 2.70 5.24 -12.44
C ALA B 102 2.36 4.09 -11.50
N LYS B 103 1.11 3.65 -11.51
CA LYS B 103 0.73 2.47 -10.77
C LYS B 103 -0.22 1.60 -11.58
N VAL B 104 0.06 0.31 -11.68
CA VAL B 104 -0.74 -0.54 -12.49
C VAL B 104 -1.23 -1.69 -11.63
N PHE B 105 -2.56 -1.93 -11.58
CA PHE B 105 -3.17 -3.03 -10.76
C PHE B 105 -3.75 -4.08 -11.62
N ARG B 106 -3.41 -5.32 -11.34
CA ARG B 106 -4.17 -6.44 -11.83
C ARG B 106 -4.66 -7.24 -10.64
N SER B 107 -5.96 -7.60 -10.61
CA SER B 107 -6.47 -8.51 -9.55
C SER B 107 -7.11 -9.70 -10.17
N PHE B 108 -7.03 -10.84 -9.49
CA PHE B 108 -7.34 -12.14 -10.06
C PHE B 108 -7.93 -13.10 -9.01
N PHE B 109 -8.50 -14.19 -9.55
CA PHE B 109 -8.51 -15.56 -8.96
C PHE B 109 -7.68 -16.60 -9.81
N ASP B 110 -6.38 -16.75 -9.51
CA ASP B 110 -5.48 -17.58 -10.32
C ASP B 110 -5.17 -18.89 -9.66
N GLU B 121 -0.02 -16.50 -18.52
CA GLU B 121 1.02 -16.71 -17.51
C GLU B 121 1.50 -15.39 -16.86
N GLN B 122 2.04 -15.52 -15.66
CA GLN B 122 2.54 -14.38 -14.89
C GLN B 122 3.50 -13.44 -15.66
N ASP B 123 4.50 -13.99 -16.33
CA ASP B 123 5.46 -13.17 -17.08
C ASP B 123 4.81 -12.26 -18.14
N MET B 124 3.78 -12.76 -18.84
CA MET B 124 3.09 -11.96 -19.88
C MET B 124 2.24 -10.86 -19.29
N ILE B 125 1.71 -11.10 -18.09
CA ILE B 125 0.94 -10.07 -17.40
C ILE B 125 1.86 -8.89 -17.07
N VAL B 126 3.03 -9.19 -16.53
CA VAL B 126 4.00 -8.19 -16.12
C VAL B 126 4.43 -7.38 -17.33
N LYS B 127 4.72 -8.07 -18.42
CA LYS B 127 5.16 -7.42 -19.65
C LYS B 127 4.16 -6.37 -20.03
N GLU B 128 2.92 -6.72 -19.93
CA GLU B 128 1.88 -5.83 -20.32
C GLU B 128 1.77 -4.65 -19.32
N MET B 129 2.05 -4.93 -18.05
CA MET B 129 1.97 -3.89 -17.00
C MET B 129 3.03 -2.81 -17.26
N TYR B 130 4.20 -3.21 -17.72
CA TYR B 130 5.21 -2.27 -18.10
C TYR B 130 4.74 -1.31 -19.19
N ASP B 131 4.01 -1.82 -20.17
CA ASP B 131 3.51 -0.93 -21.23
C ASP B 131 2.56 0.09 -20.62
N ARG B 132 1.69 -0.39 -19.72
CA ARG B 132 0.74 0.55 -19.11
C ARG B 132 1.44 1.57 -18.25
N ALA B 133 2.49 1.13 -17.56
CA ALA B 133 3.23 2.04 -16.72
C ALA B 133 3.90 3.12 -17.60
N ALA B 134 4.51 2.69 -18.69
CA ALA B 134 5.09 3.64 -19.64
C ALA B 134 4.09 4.66 -20.16
N GLU B 135 2.89 4.21 -20.51
CA GLU B 135 1.86 5.16 -21.00
C GLU B 135 1.48 6.12 -19.93
N GLN B 136 1.34 5.65 -18.67
CA GLN B 136 1.00 6.61 -17.59
C GLN B 136 2.05 7.68 -17.41
N LEU B 137 3.30 7.33 -17.55
CA LEU B 137 4.36 8.32 -17.39
C LEU B 137 4.29 9.34 -18.54
N ILE B 138 4.28 8.87 -19.77
CA ILE B 138 4.25 9.77 -20.92
C ILE B 138 3.07 10.69 -20.84
N ARG B 139 1.93 10.21 -20.34
CA ARG B 139 0.76 11.09 -20.21
C ARG B 139 0.89 12.15 -19.19
N LYS B 140 1.94 12.11 -18.39
CA LYS B 140 2.11 13.20 -17.45
C LYS B 140 2.81 14.41 -18.04
N LEU B 141 3.51 14.21 -19.16
CA LEU B 141 4.34 15.30 -19.71
C LEU B 141 3.62 16.64 -19.99
N PRO B 142 2.35 16.61 -20.47
CA PRO B 142 1.66 17.88 -20.67
C PRO B 142 1.48 18.66 -19.43
N SER B 143 1.10 18.00 -18.37
CA SER B 143 0.92 18.75 -17.08
C SER B 143 2.22 19.39 -16.60
N ILE B 144 3.37 18.75 -16.90
CA ILE B 144 4.69 19.28 -16.53
C ILE B 144 4.98 20.56 -17.33
N ARG B 145 4.77 20.53 -18.63
CA ARG B 145 4.93 21.76 -19.41
C ARG B 145 3.97 22.87 -18.96
N ALA B 146 2.74 22.51 -18.64
CA ALA B 146 1.79 23.51 -18.16
C ALA B 146 2.22 24.17 -16.89
N ALA B 147 2.81 23.40 -15.97
CA ALA B 147 3.32 24.01 -14.71
C ALA B 147 4.55 24.81 -15.00
N ASP B 148 5.39 24.28 -15.88
CA ASP B 148 6.65 24.97 -16.25
C ASP B 148 6.39 26.36 -16.88
N ILE B 149 5.44 26.44 -17.83
CA ILE B 149 4.95 27.75 -18.35
C ILE B 149 4.37 28.70 -17.29
N ARG B 150 3.58 28.19 -16.35
CA ARG B 150 2.99 29.06 -15.30
C ARG B 150 3.95 29.46 -14.19
N SER B 151 5.15 28.88 -14.10
CA SER B 151 6.09 29.23 -13.04
C SER B 151 6.75 30.61 -13.23
N ASP B 152 6.47 31.27 -14.36
CA ASP B 152 6.81 32.68 -14.57
C ASP B 152 5.54 33.56 -14.45
N GLN C 10 -21.56 -5.56 -23.48
CA GLN C 10 -20.48 -6.45 -22.91
C GLN C 10 -20.88 -7.20 -21.59
N VAL C 11 -21.81 -6.63 -20.82
CA VAL C 11 -22.30 -7.29 -19.61
C VAL C 11 -22.95 -8.62 -19.97
N PRO C 12 -22.54 -9.71 -19.31
CA PRO C 12 -23.15 -10.98 -19.74
C PRO C 12 -24.67 -10.95 -19.70
N SER C 13 -25.25 -11.81 -20.54
CA SER C 13 -26.70 -11.92 -20.70
C SER C 13 -27.36 -12.41 -19.41
N THR C 14 -26.67 -13.27 -18.68
CA THR C 14 -27.16 -13.75 -17.40
C THR C 14 -27.15 -12.69 -16.33
N MET C 15 -26.66 -11.49 -16.64
CA MET C 15 -26.56 -10.43 -15.62
C MET C 15 -27.22 -9.16 -16.06
N LYS C 16 -28.16 -9.25 -16.99
CA LYS C 16 -28.88 -8.06 -17.43
C LYS C 16 -29.93 -7.66 -16.46
N VAL C 17 -30.18 -8.51 -15.48
CA VAL C 17 -31.00 -8.12 -14.34
C VAL C 17 -30.18 -8.39 -13.12
N MET C 18 -30.10 -7.44 -12.19
CA MET C 18 -29.25 -7.66 -11.03
C MET C 18 -29.65 -6.80 -9.88
N ILE C 19 -29.19 -7.22 -8.71
CA ILE C 19 -29.45 -6.49 -7.46
C ILE C 19 -28.19 -5.79 -7.08
N LEU C 20 -28.30 -4.55 -6.62
CA LEU C 20 -27.18 -3.82 -6.09
C LEU C 20 -27.36 -3.63 -4.61
N ASP C 21 -26.45 -4.20 -3.84
CA ASP C 21 -26.53 -4.16 -2.37
C ASP C 21 -25.36 -3.34 -1.81
N SER C 22 -25.69 -2.31 -1.03
CA SER C 22 -24.67 -1.47 -0.50
C SER C 22 -25.12 -0.81 0.75
N GLY C 23 -24.17 -0.35 1.52
CA GLY C 23 -24.45 0.27 2.80
C GLY C 23 -24.90 1.69 2.77
N ASP C 24 -24.79 2.32 1.60
CA ASP C 24 -25.29 3.70 1.46
C ASP C 24 -25.77 3.93 0.02
N PRO C 25 -27.03 3.60 -0.26
CA PRO C 25 -27.48 3.61 -1.64
C PRO C 25 -27.47 5.00 -2.24
N ASN C 26 -27.46 6.06 -1.43
CA ASN C 26 -27.31 7.43 -1.96
C ASN C 26 -25.87 7.98 -1.92
N GLY C 27 -24.90 7.14 -1.59
CA GLY C 27 -23.52 7.58 -1.59
C GLY C 27 -22.92 7.60 -2.98
N PRO C 28 -21.80 8.32 -3.11
CA PRO C 28 -21.20 8.53 -4.42
C PRO C 28 -20.79 7.25 -5.12
N LEU C 29 -20.36 6.26 -4.38
CA LEU C 29 -19.96 5.06 -5.06
C LEU C 29 -21.17 4.32 -5.61
N SER C 30 -22.22 4.21 -4.80
CA SER C 30 -23.46 3.50 -5.22
C SER C 30 -24.11 4.13 -6.42
N ARG C 31 -24.20 5.44 -6.37
CA ARG C 31 -24.66 6.20 -7.52
C ARG C 31 -23.83 5.94 -8.75
N ALA C 32 -22.50 5.94 -8.60
CA ALA C 32 -21.68 5.78 -9.79
C ALA C 32 -21.86 4.40 -10.34
N VAL C 33 -21.97 3.42 -9.45
CA VAL C 33 -22.12 2.02 -9.95
C VAL C 33 -23.50 1.81 -10.59
N ARG C 34 -24.51 2.40 -9.99
CA ARG C 34 -25.86 2.30 -10.52
C ARG C 34 -25.93 2.90 -11.92
N ASN C 35 -25.40 4.10 -11.99
CA ASN C 35 -25.32 4.84 -13.24
C ASN C 35 -24.65 4.03 -14.31
N GLN C 36 -23.56 3.35 -14.02
CA GLN C 36 -22.90 2.57 -15.09
C GLN C 36 -23.63 1.30 -15.43
N LEU C 37 -24.27 0.70 -14.44
CA LEU C 37 -25.02 -0.52 -14.73
C LEU C 37 -26.19 -0.15 -15.65
N ARG C 38 -26.88 0.94 -15.33
CA ARG C 38 -27.93 1.44 -16.27
C ARG C 38 -27.36 1.73 -17.69
N LEU C 39 -26.28 2.49 -17.79
CA LEU C 39 -25.67 2.72 -19.09
C LEU C 39 -25.38 1.47 -19.82
N ASN C 40 -25.05 0.40 -19.12
CA ASN C 40 -24.89 -0.90 -19.81
C ASN C 40 -26.15 -1.76 -19.95
N GLY C 41 -27.31 -1.19 -19.69
CA GLY C 41 -28.54 -1.88 -20.01
C GLY C 41 -28.96 -2.87 -18.96
N VAL C 42 -28.52 -2.67 -17.71
CA VAL C 42 -28.83 -3.59 -16.64
C VAL C 42 -30.04 -3.08 -15.87
N GLU C 43 -31.03 -3.96 -15.69
CA GLU C 43 -32.18 -3.63 -14.89
C GLU C 43 -31.86 -3.93 -13.42
N LEU C 44 -32.05 -2.96 -12.56
CA LEU C 44 -31.74 -3.15 -11.15
C LEU C 44 -33.01 -3.41 -10.37
N LEU C 45 -33.01 -4.53 -9.64
CA LEU C 45 -34.13 -4.84 -8.76
C LEU C 45 -33.80 -4.51 -7.35
N ASP C 46 -34.84 -4.16 -6.62
CA ASP C 46 -34.71 -3.93 -5.20
C ASP C 46 -34.36 -5.29 -4.54
N LYS C 47 -33.60 -5.19 -3.46
CA LYS C 47 -33.14 -6.33 -2.64
C LYS C 47 -34.28 -7.27 -2.17
N GLU C 48 -35.48 -6.72 -1.96
CA GLU C 48 -36.61 -7.50 -1.42
C GLU C 48 -37.19 -8.54 -2.39
N THR C 49 -37.51 -9.71 -1.82
CA THR C 49 -37.36 -10.92 -2.61
C THR C 49 -38.26 -11.02 -3.84
N THR C 50 -37.59 -11.13 -4.97
CA THR C 50 -38.20 -11.37 -6.23
C THR C 50 -37.29 -12.40 -6.88
N ARG C 51 -36.54 -13.16 -6.06
CA ARG C 51 -35.24 -13.63 -6.50
C ARG C 51 -35.27 -14.87 -7.36
N LYS C 52 -35.18 -14.66 -8.66
CA LYS C 52 -35.40 -15.72 -9.61
C LYS C 52 -34.00 -15.98 -10.14
N ASP C 53 -33.10 -16.53 -9.32
CA ASP C 53 -31.70 -16.62 -9.70
C ASP C 53 -31.19 -15.24 -10.13
N VAL C 54 -31.61 -14.15 -9.48
CA VAL C 54 -31.07 -12.80 -9.82
C VAL C 54 -29.71 -12.61 -9.15
N PRO C 55 -28.63 -12.42 -9.93
CA PRO C 55 -27.31 -12.18 -9.32
C PRO C 55 -27.21 -10.85 -8.56
N SER C 56 -26.35 -10.80 -7.55
CA SER C 56 -26.29 -9.63 -6.67
C SER C 56 -24.86 -9.10 -6.69
N LEU C 57 -24.75 -7.76 -6.75
CA LEU C 57 -23.47 -7.11 -6.64
C LEU C 57 -23.52 -6.41 -5.34
N ARG C 58 -22.63 -6.81 -4.44
CA ARG C 58 -22.53 -6.21 -3.10
C ARG C 58 -21.26 -5.38 -2.96
N LEU C 59 -21.44 -4.13 -2.58
CA LEU C 59 -20.30 -3.25 -2.39
C LEU C 59 -19.86 -3.34 -0.94
N GLY C 60 -18.79 -4.10 -0.73
CA GLY C 60 -18.32 -4.44 0.63
C GLY C 60 -17.49 -3.41 1.34
N LYS C 61 -16.61 -2.75 0.60
CA LYS C 61 -15.68 -1.82 1.24
C LYS C 61 -15.16 -0.78 0.26
N VAL C 62 -15.06 0.43 0.74
CA VAL C 62 -14.48 1.49 0.00
C VAL C 62 -13.42 2.15 0.88
N SER C 63 -12.22 2.29 0.31
CA SER C 63 -11.12 2.99 1.01
C SER C 63 -10.48 4.06 0.13
N ILE C 64 -10.18 5.19 0.71
CA ILE C 64 -9.47 6.24 0.05
C ILE C 64 -8.23 6.57 0.86
N ALA C 65 -7.07 6.42 0.25
CA ALA C 65 -5.79 6.71 0.86
C ALA C 65 -5.12 7.91 0.21
N LYS C 66 -4.71 8.88 1.01
CA LYS C 66 -3.91 9.99 0.56
C LYS C 66 -2.44 9.88 1.09
N ASP C 67 -1.46 9.86 0.18
CA ASP C 67 -0.03 9.76 0.47
C ASP C 67 0.68 11.06 0.14
N THR C 68 1.46 11.57 1.09
CA THR C 68 2.38 12.66 0.87
C THR C 68 3.81 12.20 1.05
N ALA C 69 4.64 12.39 0.05
CA ALA C 69 5.98 11.88 0.06
C ALA C 69 6.95 13.02 -0.17
N SER C 70 8.05 12.98 0.53
CA SER C 70 9.12 13.93 0.39
C SER C 70 10.36 13.11 0.06
N VAL C 71 11.01 13.42 -1.07
CA VAL C 71 12.22 12.69 -1.51
C VAL C 71 13.39 13.62 -1.49
N PHE C 72 14.49 13.12 -0.92
CA PHE C 72 15.78 13.86 -0.87
C PHE C 72 16.57 13.47 -2.11
N ARG C 73 16.79 14.48 -2.95
CA ARG C 73 17.44 14.30 -4.26
C ARG C 73 18.87 14.88 -4.23
N ASN C 74 19.19 15.55 -3.14
CA ASN C 74 19.95 16.86 -3.04
C ASN C 74 19.24 18.09 -3.62
N GLY C 75 18.67 18.88 -2.71
CA GLY C 75 17.32 19.40 -2.91
C GLY C 75 16.21 18.35 -2.65
N GLN C 76 14.99 18.82 -2.51
CA GLN C 76 13.83 17.98 -2.23
C GLN C 76 12.74 18.07 -3.27
N THR C 77 11.90 17.06 -3.26
CA THR C 77 10.73 16.98 -4.12
C THR C 77 9.56 16.48 -3.29
N ALA C 78 8.37 16.98 -3.55
CA ALA C 78 7.17 16.53 -2.89
C ALA C 78 6.21 15.93 -3.87
N GLU C 79 5.63 14.77 -3.53
CA GLU C 79 4.65 14.12 -4.42
C GLU C 79 3.42 13.66 -3.60
N TYR C 80 2.23 13.84 -4.16
CA TYR C 80 0.96 13.47 -3.52
C TYR C 80 0.28 12.42 -4.32
N GLN C 81 -0.13 11.33 -3.66
CA GLN C 81 -0.89 10.27 -4.34
C GLN C 81 -2.26 10.12 -3.67
N MET C 82 -3.26 9.75 -4.47
CA MET C 82 -4.56 9.37 -3.96
C MET C 82 -4.88 8.07 -4.56
N ILE C 83 -5.24 7.12 -3.69
CA ILE C 83 -5.55 5.76 -4.13
C ILE C 83 -6.94 5.38 -3.55
N MET C 84 -7.80 4.93 -4.44
CA MET C 84 -9.15 4.55 -4.06
C MET C 84 -9.24 3.08 -4.32
N THR C 85 -9.71 2.33 -3.33
CA THR C 85 -9.83 0.87 -3.47
C THR C 85 -11.24 0.44 -3.14
N VAL C 86 -11.80 -0.45 -3.92
CA VAL C 86 -13.14 -0.88 -3.67
C VAL C 86 -13.15 -2.38 -3.73
N ASN C 87 -13.72 -3.01 -2.68
CA ASN C 87 -13.85 -4.48 -2.64
C ASN C 87 -15.32 -4.83 -2.69
N ALA C 88 -15.68 -5.77 -3.55
CA ALA C 88 -17.08 -6.08 -3.74
C ALA C 88 -17.19 -7.53 -4.00
N THR C 89 -18.42 -8.04 -4.01
CA THR C 89 -18.64 -9.44 -4.37
C THR C 89 -19.84 -9.56 -5.32
N VAL C 90 -19.77 -10.56 -6.17
CA VAL C 90 -20.88 -10.85 -7.02
C VAL C 90 -21.30 -12.25 -6.63
N LEU C 91 -22.57 -12.37 -6.24
CA LEU C 91 -23.15 -13.65 -5.89
C LEU C 91 -24.01 -14.18 -7.05
N ILE C 92 -23.67 -15.36 -7.53
CA ILE C 92 -24.51 -16.10 -8.45
C ILE C 92 -25.29 -17.11 -7.58
N PRO C 93 -26.61 -16.88 -7.35
CA PRO C 93 -27.39 -17.65 -6.39
C PRO C 93 -27.23 -19.15 -6.59
N GLY C 94 -27.03 -19.87 -5.50
CA GLY C 94 -26.97 -21.30 -5.56
C GLY C 94 -25.66 -21.80 -6.11
N ARG C 95 -24.82 -20.89 -6.57
CA ARG C 95 -23.53 -21.26 -7.09
C ARG C 95 -22.54 -20.41 -6.22
N ASP C 96 -21.44 -20.05 -6.82
CA ASP C 96 -20.36 -19.34 -6.11
C ASP C 96 -20.50 -17.81 -5.86
N ILE C 97 -19.61 -17.34 -4.98
CA ILE C 97 -19.48 -15.93 -4.68
C ILE C 97 -18.10 -15.48 -5.19
N TYR C 98 -18.05 -14.37 -5.91
CA TYR C 98 -16.82 -13.92 -6.59
C TYR C 98 -16.35 -12.60 -6.03
N PRO C 99 -15.16 -12.59 -5.43
CA PRO C 99 -14.66 -11.32 -4.99
C PRO C 99 -14.05 -10.56 -6.17
N ILE C 100 -14.33 -9.27 -6.26
CA ILE C 100 -13.72 -8.39 -7.29
C ILE C 100 -13.37 -7.09 -6.67
N SER C 101 -12.37 -6.42 -7.20
CA SER C 101 -12.00 -5.14 -6.65
C SER C 101 -11.58 -4.18 -7.71
N ALA C 102 -11.60 -2.93 -7.33
CA ALA C 102 -11.16 -1.90 -8.21
C ALA C 102 -10.11 -1.15 -7.47
N LYS C 103 -9.14 -0.63 -8.21
CA LYS C 103 -8.20 0.29 -7.63
C LYS C 103 -7.95 1.47 -8.58
N VAL C 104 -8.04 2.67 -8.10
CA VAL C 104 -7.85 3.79 -8.95
C VAL C 104 -6.74 4.66 -8.35
N PHE C 105 -5.73 5.01 -9.16
CA PHE C 105 -4.57 5.82 -8.75
C PHE C 105 -4.47 7.21 -9.42
N ARG C 106 -4.33 8.28 -8.64
CA ARG C 106 -3.99 9.59 -9.16
C ARG C 106 -2.71 10.10 -8.44
N SER C 107 -1.75 10.69 -9.14
CA SER C 107 -0.59 11.34 -8.50
C SER C 107 -0.36 12.72 -8.99
N PHE C 108 0.22 13.58 -8.16
CA PHE C 108 0.36 14.99 -8.44
C PHE C 108 1.70 15.45 -7.92
N PHE C 109 2.25 16.50 -8.53
CA PHE C 109 3.41 17.17 -7.94
C PHE C 109 3.06 18.52 -7.32
N ASP C 110 1.85 19.02 -7.48
CA ASP C 110 1.37 20.14 -6.67
C ASP C 110 0.19 19.54 -5.93
N ASN C 111 -0.09 19.93 -4.71
CA ASN C 111 -1.18 19.19 -4.06
C ASN C 111 -2.50 19.84 -4.15
N PRO C 112 -3.57 19.01 -4.28
CA PRO C 112 -4.97 19.45 -4.33
C PRO C 112 -5.70 19.54 -2.96
N GLU C 121 -10.18 20.82 -7.78
CA GLU C 121 -10.22 20.60 -6.35
C GLU C 121 -10.32 19.12 -5.94
N GLN C 122 -9.89 18.83 -4.71
CA GLN C 122 -9.85 17.47 -4.19
C GLN C 122 -11.16 16.68 -4.32
N ASP C 123 -12.27 17.28 -3.92
CA ASP C 123 -13.55 16.61 -3.98
C ASP C 123 -13.95 16.15 -5.40
N MET C 124 -13.64 16.95 -6.42
CA MET C 124 -13.93 16.56 -7.81
C MET C 124 -13.05 15.45 -8.32
N ILE C 125 -11.82 15.39 -7.84
CA ILE C 125 -10.93 14.29 -8.15
C ILE C 125 -11.47 12.96 -7.62
N VAL C 126 -11.89 12.96 -6.36
CA VAL C 126 -12.48 11.74 -5.76
C VAL C 126 -13.76 11.36 -6.54
N LYS C 127 -14.61 12.33 -6.83
CA LYS C 127 -15.86 12.05 -7.59
C LYS C 127 -15.53 11.30 -8.86
N GLU C 128 -14.49 11.77 -9.54
CA GLU C 128 -14.10 11.14 -10.78
C GLU C 128 -13.52 9.75 -10.56
N MET C 129 -12.82 9.59 -9.44
CA MET C 129 -12.28 8.27 -9.10
C MET C 129 -13.41 7.24 -8.90
N TYR C 130 -14.48 7.65 -8.25
CA TYR C 130 -15.67 6.75 -8.13
C TYR C 130 -16.19 6.26 -9.45
N ASP C 131 -16.17 7.11 -10.48
CA ASP C 131 -16.65 6.65 -11.82
C ASP C 131 -15.75 5.58 -12.39
N ARG C 132 -14.43 5.77 -12.20
CA ARG C 132 -13.50 4.78 -12.71
C ARG C 132 -13.58 3.50 -11.91
N ALA C 133 -13.76 3.61 -10.61
CA ALA C 133 -13.91 2.38 -9.79
C ALA C 133 -15.16 1.64 -10.22
N ALA C 134 -16.24 2.37 -10.48
CA ALA C 134 -17.48 1.70 -10.99
C ALA C 134 -17.22 1.01 -12.28
N GLU C 135 -16.47 1.64 -13.17
CA GLU C 135 -16.27 1.00 -14.43
C GLU C 135 -15.47 -0.24 -14.30
N GLN C 136 -14.43 -0.19 -13.49
CA GLN C 136 -13.59 -1.37 -13.32
C GLN C 136 -14.41 -2.53 -12.76
N LEU C 137 -15.32 -2.26 -11.85
CA LEU C 137 -16.14 -3.34 -11.34
C LEU C 137 -16.99 -3.94 -12.41
N ILE C 138 -17.74 -3.09 -13.12
CA ILE C 138 -18.62 -3.58 -14.20
C ILE C 138 -17.80 -4.37 -15.23
N ARG C 139 -16.60 -3.94 -15.56
CA ARG C 139 -15.80 -4.69 -16.51
C ARG C 139 -15.38 -6.07 -16.03
N LYS C 140 -15.58 -6.39 -14.74
CA LYS C 140 -15.18 -7.71 -14.24
C LYS C 140 -16.26 -8.74 -14.46
N LEU C 141 -17.47 -8.29 -14.74
CA LEU C 141 -18.57 -9.22 -14.92
C LEU C 141 -18.34 -10.32 -16.01
N PRO C 142 -17.72 -9.99 -17.19
CA PRO C 142 -17.47 -11.06 -18.18
C PRO C 142 -16.61 -12.19 -17.69
N SER C 143 -15.54 -11.85 -16.98
CA SER C 143 -14.67 -12.87 -16.41
C SER C 143 -15.42 -13.76 -15.39
N ILE C 144 -16.39 -13.19 -14.67
CA ILE C 144 -17.23 -13.95 -13.72
C ILE C 144 -18.15 -14.93 -14.44
N ARG C 145 -18.87 -14.48 -15.45
CA ARG C 145 -19.63 -15.42 -16.26
C ARG C 145 -18.74 -16.52 -16.91
N ALA C 146 -17.56 -16.17 -17.40
CA ALA C 146 -16.64 -17.17 -17.99
C ALA C 146 -16.20 -18.24 -16.97
N ALA C 147 -15.97 -17.85 -15.73
CA ALA C 147 -15.61 -18.81 -14.68
C ALA C 147 -16.84 -19.63 -14.25
N ASP C 148 -17.99 -18.98 -14.17
CA ASP C 148 -19.25 -19.63 -13.83
C ASP C 148 -19.61 -20.73 -14.83
N ILE C 149 -19.50 -20.43 -16.12
CA ILE C 149 -19.67 -21.45 -17.18
C ILE C 149 -18.69 -22.63 -17.03
N ARG C 150 -17.42 -22.37 -16.76
CA ARG C 150 -16.41 -23.43 -16.69
C ARG C 150 -16.44 -24.25 -15.40
N SER C 151 -17.20 -23.81 -14.39
CA SER C 151 -17.27 -24.56 -13.13
C SER C 151 -18.08 -25.87 -13.22
N ASP C 152 -18.69 -26.15 -14.39
CA ASP C 152 -19.31 -27.45 -14.69
C ASP C 152 -18.44 -28.28 -15.65
N GLN D 10 -3.93 -7.22 31.67
CA GLN D 10 -4.59 -5.97 31.16
C GLN D 10 -5.56 -6.19 29.95
N VAL D 11 -5.80 -7.42 29.45
CA VAL D 11 -7.05 -7.68 28.70
C VAL D 11 -8.21 -7.28 29.60
N PRO D 12 -9.14 -6.44 29.12
CA PRO D 12 -10.18 -6.03 30.05
C PRO D 12 -10.91 -7.19 30.71
N SER D 13 -11.47 -6.90 31.87
CA SER D 13 -12.17 -7.90 32.70
C SER D 13 -13.44 -8.39 32.03
N THR D 14 -14.08 -7.50 31.29
CA THR D 14 -15.24 -7.87 30.51
C THR D 14 -14.92 -8.78 29.31
N MET D 15 -13.64 -9.10 29.09
CA MET D 15 -13.26 -9.91 27.94
C MET D 15 -12.44 -11.10 28.31
N LYS D 16 -12.55 -11.54 29.56
CA LYS D 16 -11.79 -12.70 30.02
C LYS D 16 -12.46 -13.97 29.64
N VAL D 17 -13.65 -13.84 29.07
CA VAL D 17 -14.26 -14.97 28.33
C VAL D 17 -14.63 -14.47 26.93
N MET D 18 -14.31 -15.23 25.90
CA MET D 18 -14.50 -14.73 24.56
C MET D 18 -14.67 -15.82 23.56
N ILE D 19 -15.25 -15.46 22.41
CA ILE D 19 -15.38 -16.37 21.29
C ILE D 19 -14.42 -15.95 20.22
N LEU D 20 -13.77 -16.91 19.60
CA LEU D 20 -12.91 -16.62 18.49
C LEU D 20 -13.53 -17.22 17.28
N ASP D 21 -13.85 -16.37 16.31
CA ASP D 21 -14.50 -16.82 15.06
C ASP D 21 -13.57 -16.59 13.86
N SER D 22 -13.30 -17.64 13.10
CA SER D 22 -12.40 -17.54 11.98
C SER D 22 -12.65 -18.60 10.96
N GLY D 23 -12.19 -18.34 9.74
CA GLY D 23 -12.44 -19.22 8.62
C GLY D 23 -11.56 -20.43 8.56
N ASP D 24 -10.51 -20.46 9.39
CA ASP D 24 -9.63 -21.61 9.45
C ASP D 24 -9.06 -21.77 10.84
N PRO D 25 -9.82 -22.42 11.72
CA PRO D 25 -9.41 -22.46 13.13
C PRO D 25 -8.07 -23.15 13.34
N ASN D 26 -7.62 -23.98 12.40
CA ASN D 26 -6.29 -24.59 12.51
C ASN D 26 -5.19 -23.88 11.75
N GLY D 27 -5.49 -22.70 11.23
CA GLY D 27 -4.50 -21.96 10.48
C GLY D 27 -3.59 -21.20 11.40
N PRO D 28 -2.46 -20.76 10.85
CA PRO D 28 -1.42 -20.13 11.65
C PRO D 28 -1.86 -18.87 12.33
N LEU D 29 -2.74 -18.13 11.71
CA LEU D 29 -3.17 -16.92 12.38
C LEU D 29 -4.09 -17.23 13.54
N SER D 30 -5.05 -18.12 13.33
CA SER D 30 -5.99 -18.54 14.41
C SER D 30 -5.28 -19.13 15.61
N ARG D 31 -4.35 -20.01 15.33
CA ARG D 31 -3.50 -20.56 16.39
C ARG D 31 -2.72 -19.50 17.11
N ALA D 32 -2.13 -18.57 16.37
CA ALA D 32 -1.35 -17.56 17.06
C ALA D 32 -2.24 -16.73 17.94
N VAL D 33 -3.46 -16.44 17.47
CA VAL D 33 -4.32 -15.56 18.24
C VAL D 33 -4.85 -16.32 19.46
N ARG D 34 -5.18 -17.59 19.25
CA ARG D 34 -5.69 -18.45 20.33
C ARG D 34 -4.63 -18.55 21.42
N ASN D 35 -3.42 -18.83 20.97
CA ASN D 35 -2.30 -18.95 21.85
C ASN D 35 -2.13 -17.68 22.66
N GLN D 36 -2.20 -16.49 22.06
CA GLN D 36 -2.00 -15.27 22.86
C GLN D 36 -3.11 -14.99 23.77
N LEU D 37 -4.31 -15.33 23.35
CA LEU D 37 -5.46 -15.06 24.23
C LEU D 37 -5.33 -15.96 25.45
N ARG D 38 -5.01 -17.22 25.25
CA ARG D 38 -4.72 -18.12 26.43
C ARG D 38 -3.59 -17.59 27.31
N LEU D 39 -2.46 -17.23 26.71
CA LEU D 39 -1.39 -16.61 27.51
C LEU D 39 -1.88 -15.47 28.32
N ASN D 40 -2.85 -14.70 27.82
CA ASN D 40 -3.39 -13.58 28.63
C ASN D 40 -4.55 -13.96 29.58
N GLY D 41 -4.79 -15.24 29.76
CA GLY D 41 -5.79 -15.65 30.69
C GLY D 41 -7.22 -15.57 30.18
N VAL D 42 -7.42 -15.68 28.86
CA VAL D 42 -8.74 -15.59 28.30
C VAL D 42 -9.27 -16.97 28.09
N GLU D 43 -10.50 -17.19 28.55
CA GLU D 43 -11.17 -18.45 28.28
C GLU D 43 -11.89 -18.36 26.93
N LEU D 44 -11.66 -19.32 26.07
CA LEU D 44 -12.29 -19.33 24.78
C LEU D 44 -13.45 -20.29 24.71
N LEU D 45 -14.62 -19.79 24.33
CA LEU D 45 -15.76 -20.64 24.16
C LEU D 45 -15.99 -20.92 22.70
N ASP D 46 -16.55 -22.08 22.46
CA ASP D 46 -16.96 -22.45 21.14
C ASP D 46 -18.11 -21.51 20.73
N LYS D 47 -18.16 -21.23 19.43
CA LYS D 47 -19.14 -20.31 18.86
C LYS D 47 -20.62 -20.71 19.12
N GLU D 48 -20.87 -21.98 19.35
CA GLU D 48 -22.22 -22.47 19.57
C GLU D 48 -22.63 -22.36 21.08
N THR D 49 -21.87 -21.66 21.91
CA THR D 49 -22.18 -21.59 23.36
C THR D 49 -23.60 -21.11 23.67
N THR D 50 -24.17 -21.72 24.71
CA THR D 50 -25.44 -21.37 25.41
C THR D 50 -25.37 -19.95 26.01
N ARG D 51 -24.13 -19.56 26.31
CA ARG D 51 -23.81 -18.29 26.93
C ARG D 51 -23.87 -17.13 25.92
N LYS D 52 -24.69 -16.13 26.24
CA LYS D 52 -24.54 -14.84 25.60
C LYS D 52 -23.88 -13.82 26.52
N ASP D 53 -23.95 -12.62 25.99
CA ASP D 53 -23.10 -11.50 26.37
C ASP D 53 -21.59 -11.75 26.29
N VAL D 54 -21.21 -12.85 25.68
CA VAL D 54 -19.81 -13.16 25.46
C VAL D 54 -19.31 -12.40 24.24
N PRO D 55 -18.29 -11.53 24.40
CA PRO D 55 -17.73 -10.81 23.25
C PRO D 55 -16.99 -11.72 22.28
N SER D 56 -17.00 -11.33 21.00
CA SER D 56 -16.56 -12.20 19.94
C SER D 56 -15.45 -11.49 19.15
N LEU D 57 -14.37 -12.21 18.83
CA LEU D 57 -13.30 -11.69 18.01
C LEU D 57 -13.37 -12.44 16.74
N ARG D 58 -13.69 -11.74 15.65
CA ARG D 58 -13.82 -12.38 14.32
C ARG D 58 -12.65 -12.00 13.41
N LEU D 59 -11.96 -12.99 12.88
CA LEU D 59 -10.82 -12.74 12.02
C LEU D 59 -11.34 -12.73 10.58
N GLY D 60 -11.51 -11.53 10.07
CA GLY D 60 -12.15 -11.32 8.77
C GLY D 60 -11.30 -11.50 7.54
N LYS D 61 -10.07 -11.02 7.61
CA LYS D 61 -9.24 -11.05 6.42
C LYS D 61 -7.77 -11.07 6.80
N VAL D 62 -7.02 -11.86 6.05
CA VAL D 62 -5.59 -11.88 6.15
C VAL D 62 -4.99 -11.66 4.78
N SER D 63 -4.04 -10.74 4.69
CA SER D 63 -3.34 -10.50 3.45
C SER D 63 -1.84 -10.52 3.68
N ILE D 64 -1.13 -11.17 2.80
CA ILE D 64 0.30 -11.13 2.80
C ILE D 64 0.78 -10.61 1.46
N ALA D 65 1.51 -9.51 1.48
CA ALA D 65 2.08 -8.91 0.24
C ALA D 65 3.61 -9.01 0.23
N LYS D 66 4.18 -9.48 -0.88
CA LYS D 66 5.62 -9.44 -1.13
C LYS D 66 5.99 -8.44 -2.21
N ASP D 67 6.89 -7.53 -1.86
CA ASP D 67 7.35 -6.49 -2.76
C ASP D 67 8.80 -6.67 -3.09
N THR D 68 9.13 -6.59 -4.37
CA THR D 68 10.52 -6.52 -4.85
C THR D 68 10.71 -5.17 -5.52
N ALA D 69 11.68 -4.41 -5.06
CA ALA D 69 11.90 -3.07 -5.59
C ALA D 69 13.33 -2.94 -6.10
N SER D 70 13.50 -2.27 -7.23
CA SER D 70 14.82 -2.03 -7.81
C SER D 70 14.95 -0.49 -7.92
N VAL D 71 15.99 0.07 -7.29
CA VAL D 71 16.18 1.50 -7.27
C VAL D 71 17.46 1.88 -8.04
N PHE D 72 17.36 2.90 -8.85
CA PHE D 72 18.48 3.40 -9.64
C PHE D 72 19.08 4.49 -8.86
N ARG D 73 20.32 4.27 -8.48
CA ARG D 73 21.05 5.19 -7.61
C ARG D 73 22.15 5.93 -8.39
N ASN D 74 22.34 5.49 -9.62
CA ASN D 74 23.60 5.32 -10.33
C ASN D 74 24.44 4.15 -9.79
N GLY D 75 24.36 3.06 -10.51
CA GLY D 75 24.27 1.75 -9.88
C GLY D 75 22.83 1.47 -9.38
N GLN D 76 22.57 0.20 -9.07
CA GLN D 76 21.26 -0.29 -8.63
C GLN D 76 21.27 -1.00 -7.32
N THR D 77 20.12 -1.00 -6.69
CA THR D 77 19.94 -1.57 -5.38
C THR D 77 18.61 -2.33 -5.41
N ALA D 78 18.57 -3.49 -4.77
CA ALA D 78 17.33 -4.29 -4.71
C ALA D 78 16.88 -4.41 -3.25
N GLU D 79 15.60 -4.26 -3.01
CA GLU D 79 15.03 -4.38 -1.69
C GLU D 79 13.74 -5.20 -1.73
N TYR D 80 13.55 -6.09 -0.74
CA TYR D 80 12.41 -7.01 -0.64
C TYR D 80 11.67 -6.72 0.62
N GLN D 81 10.35 -6.62 0.51
CA GLN D 81 9.51 -6.32 1.66
C GLN D 81 8.44 -7.41 1.77
N MET D 82 8.03 -7.70 3.00
CA MET D 82 6.84 -8.52 3.25
C MET D 82 5.99 -7.78 4.18
N ILE D 83 4.71 -7.67 3.82
CA ILE D 83 3.75 -6.94 4.60
C ILE D 83 2.54 -7.85 4.85
N MET D 84 2.15 -7.95 6.13
CA MET D 84 1.04 -8.80 6.56
C MET D 84 0.04 -7.88 7.17
N THR D 85 -1.20 -7.99 6.70
CA THR D 85 -2.27 -7.15 7.18
C THR D 85 -3.43 -8.02 7.63
N VAL D 86 -4.00 -7.75 8.78
CA VAL D 86 -5.10 -8.54 9.24
C VAL D 86 -6.18 -7.58 9.61
N ASN D 87 -7.38 -7.92 9.16
CA ASN D 87 -8.58 -7.12 9.56
C ASN D 87 -9.47 -7.98 10.37
N ALA D 88 -9.95 -7.46 11.48
CA ALA D 88 -10.80 -8.25 12.33
C ALA D 88 -11.84 -7.36 12.96
N THR D 89 -12.79 -7.98 13.67
CA THR D 89 -13.79 -7.19 14.41
C THR D 89 -13.96 -7.79 15.81
N VAL D 90 -14.28 -6.92 16.76
CA VAL D 90 -14.71 -7.35 18.04
C VAL D 90 -16.15 -6.90 18.21
N LEU D 91 -17.03 -7.86 18.45
CA LEU D 91 -18.46 -7.60 18.73
C LEU D 91 -18.75 -7.65 20.23
N ILE D 92 -19.25 -6.54 20.78
CA ILE D 92 -19.78 -6.50 22.13
C ILE D 92 -21.32 -6.67 21.96
N PRO D 93 -21.88 -7.86 22.29
CA PRO D 93 -23.29 -8.18 22.00
C PRO D 93 -24.26 -7.09 22.43
N GLY D 94 -25.18 -6.75 21.55
CA GLY D 94 -26.16 -5.77 21.90
C GLY D 94 -25.66 -4.34 21.89
N ARG D 95 -24.37 -4.13 21.70
CA ARG D 95 -23.83 -2.76 21.79
C ARG D 95 -23.14 -2.22 20.55
N ASP D 96 -21.99 -2.72 20.19
CA ASP D 96 -21.34 -2.25 18.99
C ASP D 96 -20.36 -3.21 18.45
N ILE D 97 -19.98 -2.96 17.21
CA ILE D 97 -18.96 -3.75 16.56
C ILE D 97 -17.75 -2.84 16.28
N TYR D 98 -16.54 -3.33 16.61
CA TYR D 98 -15.33 -2.52 16.53
C TYR D 98 -14.37 -3.10 15.51
N PRO D 99 -14.06 -2.35 14.45
CA PRO D 99 -13.08 -2.86 13.51
C PRO D 99 -11.67 -2.59 14.05
N ILE D 100 -10.80 -3.61 13.99
CA ILE D 100 -9.39 -3.44 14.39
C ILE D 100 -8.53 -4.13 13.37
N SER D 101 -7.33 -3.63 13.17
CA SER D 101 -6.47 -4.31 12.24
C SER D 101 -5.03 -4.32 12.73
N ALA D 102 -4.23 -5.14 12.09
CA ALA D 102 -2.83 -5.25 12.45
C ALA D 102 -2.10 -5.17 11.18
N LYS D 103 -0.91 -4.62 11.26
CA LYS D 103 0.00 -4.66 10.11
C LYS D 103 1.42 -4.99 10.56
N VAL D 104 2.07 -5.91 9.90
CA VAL D 104 3.38 -6.24 10.28
C VAL D 104 4.28 -6.11 9.06
N PHE D 105 5.43 -5.43 9.24
CA PHE D 105 6.39 -5.16 8.12
C PHE D 105 7.74 -5.80 8.34
N ARG D 106 8.26 -6.53 7.36
CA ARG D 106 9.66 -6.92 7.34
C ARG D 106 10.32 -6.47 6.04
N SER D 107 11.56 -5.99 6.07
CA SER D 107 12.29 -5.66 4.84
C SER D 107 13.68 -6.23 4.86
N PHE D 108 14.25 -6.48 3.69
CA PHE D 108 15.55 -7.14 3.51
C PHE D 108 16.27 -6.57 2.31
N PHE D 109 17.57 -6.61 2.32
CA PHE D 109 18.36 -6.36 1.15
C PHE D 109 18.82 -7.68 0.51
N ASP D 110 18.51 -8.81 1.17
CA ASP D 110 17.85 -10.03 0.44
C ASP D 110 16.86 -10.87 1.29
N GLU D 121 14.65 -18.66 6.51
CA GLU D 121 13.80 -18.84 5.33
C GLU D 121 12.41 -18.17 5.44
N GLN D 122 11.81 -17.98 4.27
CA GLN D 122 10.55 -17.26 4.13
C GLN D 122 9.40 -17.74 5.04
N ASP D 123 9.14 -19.05 5.07
CA ASP D 123 8.06 -19.60 5.87
C ASP D 123 8.21 -19.26 7.35
N MET D 124 9.43 -19.27 7.89
CA MET D 124 9.64 -18.93 9.31
C MET D 124 9.42 -17.45 9.61
N ILE D 125 9.72 -16.59 8.64
CA ILE D 125 9.50 -15.18 8.79
C ILE D 125 8.02 -14.91 8.91
N VAL D 126 7.26 -15.53 8.03
CA VAL D 126 5.81 -15.39 8.04
C VAL D 126 5.23 -15.85 9.37
N LYS D 127 5.69 -17.02 9.82
CA LYS D 127 5.21 -17.60 11.10
C LYS D 127 5.37 -16.56 12.18
N GLU D 128 6.51 -15.92 12.20
CA GLU D 128 6.76 -14.97 13.25
C GLU D 128 5.94 -13.69 13.09
N MET D 129 5.63 -13.37 11.85
CA MET D 129 4.74 -12.19 11.59
C MET D 129 3.37 -12.44 12.20
N TYR D 130 2.84 -13.66 12.01
CA TYR D 130 1.54 -14.00 12.62
C TYR D 130 1.54 -13.74 14.13
N ASP D 131 2.67 -13.97 14.80
CA ASP D 131 2.68 -13.73 16.24
C ASP D 131 2.54 -12.28 16.52
N ARG D 132 3.22 -11.48 15.73
CA ARG D 132 3.15 -10.04 15.95
C ARG D 132 1.76 -9.50 15.61
N ALA D 133 1.15 -10.08 14.60
CA ALA D 133 -0.20 -9.63 14.19
C ALA D 133 -1.18 -9.99 15.31
N ALA D 134 -1.05 -11.19 15.86
CA ALA D 134 -1.86 -11.56 17.02
C ALA D 134 -1.69 -10.66 18.16
N GLU D 135 -0.48 -10.28 18.44
CA GLU D 135 -0.31 -9.42 19.58
C GLU D 135 -0.93 -8.08 19.33
N GLN D 136 -0.74 -7.53 18.14
CA GLN D 136 -1.32 -6.18 17.87
C GLN D 136 -2.84 -6.18 18.05
N LEU D 137 -3.49 -7.27 17.66
CA LEU D 137 -4.96 -7.36 17.82
C LEU D 137 -5.33 -7.40 19.29
N ILE D 138 -4.70 -8.30 20.07
CA ILE D 138 -4.95 -8.39 21.49
C ILE D 138 -4.71 -7.07 22.15
N ARG D 139 -3.67 -6.36 21.77
CA ARG D 139 -3.42 -5.07 22.43
C ARG D 139 -4.46 -4.03 22.14
N LYS D 140 -5.38 -4.29 21.20
CA LYS D 140 -6.43 -3.30 20.93
C LYS D 140 -7.61 -3.43 21.86
N LEU D 141 -7.71 -4.57 22.54
CA LEU D 141 -8.85 -4.78 23.43
C LEU D 141 -9.08 -3.68 24.52
N PRO D 142 -8.01 -3.14 25.17
CA PRO D 142 -8.26 -2.07 26.15
C PRO D 142 -8.95 -0.84 25.58
N SER D 143 -8.52 -0.41 24.41
CA SER D 143 -9.12 0.77 23.79
C SER D 143 -10.62 0.53 23.45
N ILE D 144 -10.98 -0.71 23.13
CA ILE D 144 -12.36 -1.09 22.88
C ILE D 144 -13.19 -1.00 24.16
N ARG D 145 -12.73 -1.58 25.26
CA ARG D 145 -13.45 -1.42 26.50
C ARG D 145 -13.56 0.05 26.93
N ALA D 146 -12.51 0.84 26.73
CA ALA D 146 -12.55 2.27 27.06
C ALA D 146 -13.62 3.01 26.25
N ALA D 147 -13.79 2.67 24.98
CA ALA D 147 -14.81 3.30 24.16
C ALA D 147 -16.20 2.80 24.56
N ASP D 148 -16.28 1.51 24.83
CA ASP D 148 -17.53 0.88 25.24
C ASP D 148 -18.07 1.52 26.53
N ILE D 149 -17.21 1.72 27.52
CA ILE D 149 -17.56 2.45 28.77
C ILE D 149 -18.01 3.89 28.51
N ARG D 150 -17.32 4.62 27.64
CA ARG D 150 -17.65 6.02 27.40
C ARG D 150 -18.88 6.21 26.50
N SER D 151 -19.39 5.15 25.87
CA SER D 151 -20.58 5.30 25.00
C SER D 151 -21.90 5.54 25.79
N ASP D 152 -21.86 5.49 27.13
CA ASP D 152 -22.98 5.87 28.01
C ASP D 152 -22.74 7.23 28.68
C FMT E . 14.16 13.47 3.98
O1 FMT E . 13.29 13.36 2.99
O2 FMT E . 15.56 13.47 3.90
C FMT F . 15.32 1.36 -13.40
O1 FMT F . 15.40 0.82 -12.27
O2 FMT F . 15.70 2.67 -13.52
C FMT G . -20.40 0.64 0.83
O1 FMT G . -20.98 -0.47 0.60
O2 FMT G . -19.19 0.73 1.48
C FMT H . -9.89 -15.56 7.93
O1 FMT H . -10.03 -16.14 8.99
O2 FMT H . -9.02 -16.00 7.03
#